data_2RAM
#
_entry.id   2RAM
#
_cell.length_a   65.810
_cell.length_b   80.620
_cell.length_c   167.800
_cell.angle_alpha   90.00
_cell.angle_beta   90.00
_cell.angle_gamma   90.00
#
_symmetry.space_group_name_H-M   'P 21 21 21'
#
loop_
_entity.id
_entity.type
_entity.pdbx_description
1 polymer "DNA (5'-D(*CP*GP*GP*CP*TP*GP*GP*AP*AP*AP*TP*(5IU)P*(5IU)P*CP*CP*AP*GP*CP*CP*G)-3')"
2 polymer 'PROTEIN (TRANSCRIPTION FACTOR NF-KB P65)'
3 non-polymer (2S,3S)-1,4-DIMERCAPTOBUTANE-2,3-DIOL
4 water water
#
loop_
_entity_poly.entity_id
_entity_poly.type
_entity_poly.pdbx_seq_one_letter_code
_entity_poly.pdbx_strand_id
1 'polydeoxyribonucleotide'
;(DC)(DG)(DG)(DC)(DT)(DG)(DG)(DA)(DA)(DA)(DT)(5IU)(5IU)(DC)(DC)(DA)(DG)(DC)(DC)
(DG)
;
C,D
2 'polypeptide(L)'
;PYVEIIEQPKQRGMRFRYKCEGRSAGSIPGERSTDTTKTHPTIKINGYTGPGTVRISLVTKDPPHRPHPHELVGKDCRDG
YYEADLCPDRSIHSFQNLGIQCVKKRDLEQAISQRIQTNNNPFHVPIEEQRGDYDLNAVRLCFQVTVRDPAGRPLLLTPV
LSHPIFDNRAPNTAELKICRVNRNSGSCLGGDEIFLLCDKVQKEDIEVYFTGPGWEARGSFSQADVHRQVAIVFRTPPYA
DPSLQAPVRVSMQLRRPSDRELSEPMEFQYLPD
;
A,B
#
# COMPACT_ATOMS: atom_id res chain seq x y z
N PRO C 1 10.10 38.06 28.90
CA PRO C 1 10.58 36.67 28.91
C PRO C 1 10.50 36.10 27.53
N TYR C 2 11.15 34.97 27.32
CA TYR C 2 11.11 34.34 26.02
C TYR C 2 11.25 32.84 26.06
N VAL C 3 10.55 32.19 25.13
CA VAL C 3 10.53 30.75 25.03
C VAL C 3 11.54 30.31 24.00
N GLU C 4 12.18 29.20 24.28
CA GLU C 4 13.15 28.65 23.37
C GLU C 4 13.08 27.17 23.49
N ILE C 5 13.09 26.51 22.34
CA ILE C 5 13.02 25.06 22.26
C ILE C 5 14.35 24.38 22.57
N ILE C 6 14.49 23.96 23.83
CA ILE C 6 15.67 23.25 24.33
C ILE C 6 15.80 21.92 23.61
N GLU C 7 14.66 21.28 23.36
CA GLU C 7 14.66 20.00 22.66
C GLU C 7 13.58 19.95 21.59
N GLN C 8 14.05 19.90 20.35
CA GLN C 8 13.23 19.83 19.16
C GLN C 8 12.58 18.46 19.01
N PRO C 9 11.43 18.39 18.31
CA PRO C 9 10.79 17.07 18.12
C PRO C 9 11.57 16.39 17.00
N LYS C 10 11.60 15.06 16.96
CA LYS C 10 12.31 14.41 15.87
C LYS C 10 11.60 14.79 14.55
N GLN C 11 12.35 15.02 13.47
CA GLN C 11 11.72 15.41 12.20
C GLN C 11 11.17 14.27 11.34
N ARG C 12 11.95 13.22 11.17
CA ARG C 12 11.52 12.12 10.35
C ARG C 12 11.41 10.77 11.08
N GLY C 13 10.61 9.85 10.54
CA GLY C 13 10.50 8.54 11.16
C GLY C 13 9.16 8.12 11.74
N MET C 14 8.39 9.08 12.25
CA MET C 14 7.08 8.78 12.80
C MET C 14 6.03 9.15 11.78
N ARG C 15 4.98 8.35 11.73
CA ARG C 15 3.92 8.64 10.80
C ARG C 15 2.81 9.34 11.54
N PHE C 16 2.03 10.16 10.83
CA PHE C 16 0.87 10.82 11.42
C PHE C 16 -0.20 9.71 11.40
N ARG C 17 -0.86 9.46 12.52
CA ARG C 17 -1.86 8.41 12.52
C ARG C 17 -3.22 9.02 12.16
N TYR C 18 -4.08 8.30 11.42
CA TYR C 18 -5.42 8.82 11.07
C TYR C 18 -6.41 8.47 12.17
N LYS C 19 -7.54 9.16 12.16
CA LYS C 19 -8.59 8.97 13.16
C LYS C 19 -9.14 7.55 13.20
N CYS C 20 -9.04 6.86 12.07
CA CYS C 20 -9.50 5.48 11.94
C CYS C 20 -8.56 4.50 12.68
N GLU C 21 -7.32 4.93 12.90
CA GLU C 21 -6.34 4.12 13.58
C GLU C 21 -6.41 4.17 15.09
N GLY C 22 -7.02 5.23 15.63
CA GLY C 22 -7.13 5.37 17.09
C GLY C 22 -7.40 6.78 17.58
N ARG C 23 -7.30 6.99 18.90
CA ARG C 23 -7.53 8.27 19.57
C ARG C 23 -6.25 8.96 20.06
N SER C 24 -5.11 8.32 19.84
CA SER C 24 -3.81 8.85 20.24
C SER C 24 -2.77 8.43 19.19
N ALA C 25 -2.01 9.39 18.67
CA ALA C 25 -1.03 9.12 17.64
C ALA C 25 0.37 8.82 18.16
N GLY C 26 0.47 8.03 19.22
CA GLY C 26 1.78 7.72 19.78
C GLY C 26 2.37 8.96 20.41
N SER C 27 3.67 9.01 20.61
CA SER C 27 4.26 10.20 21.21
C SER C 27 5.44 10.74 20.45
N ILE C 28 5.38 12.02 20.09
CA ILE C 28 6.47 12.65 19.37
C ILE C 28 7.70 12.70 20.28
N PRO C 29 8.82 12.14 19.81
CA PRO C 29 10.05 12.14 20.61
C PRO C 29 11.02 13.30 20.27
N GLY C 30 11.90 13.63 21.20
CA GLY C 30 12.88 14.67 20.93
C GLY C 30 13.80 14.16 19.84
N GLU C 31 14.51 15.06 19.17
CA GLU C 31 15.41 14.67 18.09
C GLU C 31 16.53 13.77 18.57
N ARG C 32 17.06 14.07 19.75
CA ARG C 32 18.16 13.30 20.34
C ARG C 32 17.68 12.06 21.08
N SER C 33 16.39 11.74 20.93
CA SER C 33 15.87 10.57 21.60
C SER C 33 16.54 9.34 21.00
N THR C 34 17.16 8.56 21.89
CA THR C 34 17.83 7.34 21.52
C THR C 34 17.20 6.21 22.31
N ASP C 35 17.40 4.98 21.86
CA ASP C 35 16.86 3.81 22.53
C ASP C 35 17.39 3.66 23.95
N THR C 36 18.55 4.26 24.18
CA THR C 36 19.21 4.21 25.47
C THR C 36 18.84 5.44 26.30
N THR C 37 18.84 6.61 25.64
CA THR C 37 18.48 7.86 26.29
C THR C 37 17.35 8.53 25.51
N LYS C 38 16.13 8.32 26.02
CA LYS C 38 14.90 8.86 25.44
C LYS C 38 14.75 10.35 25.78
N THR C 39 14.10 11.09 24.88
CA THR C 39 13.90 12.53 25.09
C THR C 39 12.60 13.01 24.47
N HIS C 40 12.09 14.14 24.97
CA HIS C 40 10.83 14.72 24.49
C HIS C 40 10.94 16.20 24.16
N PRO C 41 10.06 16.72 23.29
CA PRO C 41 10.09 18.13 22.92
C PRO C 41 10.02 18.95 24.20
N THR C 42 11.08 19.72 24.43
CA THR C 42 11.22 20.57 25.63
C THR C 42 11.47 22.02 25.27
N ILE C 43 10.76 22.92 25.94
CA ILE C 43 10.94 24.35 25.74
C ILE C 43 11.49 24.94 27.04
N LYS C 44 12.08 26.13 26.93
CA LYS C 44 12.68 26.82 28.07
C LYS C 44 12.14 28.23 28.15
N ILE C 45 11.72 28.61 29.35
CA ILE C 45 11.23 29.95 29.55
C ILE C 45 12.38 30.76 30.16
N ASN C 46 12.81 31.78 29.43
CA ASN C 46 13.88 32.64 29.90
C ASN C 46 13.26 33.87 30.54
N GLY C 47 13.54 34.07 31.82
CA GLY C 47 12.99 35.24 32.50
C GLY C 47 11.64 35.04 33.18
N TYR C 48 11.37 33.83 33.66
CA TYR C 48 10.11 33.58 34.34
C TYR C 48 10.02 32.17 34.87
N THR C 49 9.84 32.06 36.19
CA THR C 49 9.61 30.79 36.86
C THR C 49 8.42 31.11 37.78
N GLY C 50 7.27 30.55 37.44
CA GLY C 50 6.06 30.77 38.21
C GLY C 50 4.82 30.33 37.46
N PRO C 51 3.62 30.67 37.97
CA PRO C 51 2.32 30.31 37.39
C PRO C 51 2.17 30.71 35.93
N GLY C 52 1.58 29.81 35.17
CA GLY C 52 1.35 30.02 33.75
C GLY C 52 0.77 28.79 33.10
N THR C 53 0.45 28.94 31.82
CA THR C 53 -0.12 27.90 31.01
C THR C 53 0.61 27.85 29.67
N VAL C 54 0.54 26.70 29.02
CA VAL C 54 1.15 26.51 27.70
C VAL C 54 0.09 25.88 26.77
N ARG C 55 0.15 26.20 25.49
CA ARG C 55 -0.76 25.62 24.50
C ARG C 55 0.02 25.23 23.28
N ILE C 56 -0.02 23.95 22.95
CA ILE C 56 0.69 23.52 21.78
C ILE C 56 -0.33 23.30 20.66
N SER C 57 -0.12 24.02 19.59
CA SER C 57 -0.97 24.01 18.44
C SER C 57 -0.12 23.48 17.30
N LEU C 58 -0.75 23.30 16.13
CA LEU C 58 -0.08 22.80 14.94
C LEU C 58 -0.27 23.92 13.94
N VAL C 59 0.78 24.22 13.21
CA VAL C 59 0.73 25.26 12.21
C VAL C 59 1.45 24.76 10.99
N THR C 60 1.25 25.48 9.89
CA THR C 60 1.87 25.12 8.65
C THR C 60 3.39 25.27 8.70
N LYS C 61 4.05 24.55 7.80
CA LYS C 61 5.50 24.52 7.67
C LYS C 61 6.11 25.82 7.13
N ASP C 62 5.69 26.23 5.95
CA ASP C 62 6.20 27.43 5.31
C ASP C 62 5.63 28.73 5.86
N PRO C 63 6.43 29.81 5.84
CA PRO C 63 6.17 31.17 6.33
C PRO C 63 4.78 31.56 6.82
N PRO C 64 3.76 31.67 5.94
CA PRO C 64 2.44 32.05 6.48
C PRO C 64 1.87 30.88 7.28
N HIS C 65 2.25 30.87 8.55
CA HIS C 65 1.89 29.83 9.50
C HIS C 65 0.44 29.70 9.86
N ARG C 66 -0.37 29.34 8.84
CA ARG C 66 -1.80 29.15 9.02
C ARG C 66 -1.94 27.93 9.92
N PRO C 67 -2.94 27.93 10.80
CA PRO C 67 -3.15 26.78 11.70
C PRO C 67 -3.38 25.58 10.80
N HIS C 68 -2.77 24.45 11.14
CA HIS C 68 -2.87 23.26 10.31
C HIS C 68 -4.14 22.41 10.53
N PRO C 69 -4.66 21.80 9.45
CA PRO C 69 -5.87 20.98 9.52
C PRO C 69 -5.69 19.81 10.48
N HIS C 70 -4.47 19.29 10.57
CA HIS C 70 -4.20 18.18 11.47
C HIS C 70 -4.46 18.49 12.93
N GLU C 71 -4.47 17.42 13.72
CA GLU C 71 -4.71 17.50 15.14
C GLU C 71 -3.60 16.95 16.01
N LEU C 72 -3.51 17.57 17.18
CA LEU C 72 -2.56 17.21 18.18
C LEU C 72 -3.45 16.42 19.10
N VAL C 73 -3.20 15.12 19.19
CA VAL C 73 -3.99 14.25 20.04
C VAL C 73 -3.11 13.65 21.12
N GLY C 74 -3.68 13.51 22.31
CA GLY C 74 -2.96 12.96 23.43
C GLY C 74 -3.48 13.54 24.74
N LYS C 75 -2.74 13.28 25.82
CA LYS C 75 -3.07 13.78 27.15
C LYS C 75 -3.16 15.30 27.10
N ASP C 76 -4.13 15.88 27.81
CA ASP C 76 -4.35 17.32 27.86
C ASP C 76 -4.69 18.01 26.55
N CYS C 77 -4.95 17.23 25.49
CA CYS C 77 -5.33 17.80 24.19
C CYS C 77 -6.85 17.95 24.06
N ARG C 78 -7.28 18.59 22.96
CA ARG C 78 -8.67 18.86 22.62
C ARG C 78 -8.66 19.85 21.46
N ASP C 79 -9.64 19.76 20.56
CA ASP C 79 -9.72 20.66 19.43
C ASP C 79 -8.48 20.72 18.54
N GLY C 80 -7.61 19.71 18.67
CA GLY C 80 -6.39 19.65 17.87
C GLY C 80 -5.26 20.46 18.47
N TYR C 81 -5.37 20.77 19.76
CA TYR C 81 -4.32 21.51 20.41
C TYR C 81 -4.09 21.04 21.81
N TYR C 82 -2.83 21.03 22.23
CA TYR C 82 -2.48 20.65 23.60
C TYR C 82 -2.59 21.89 24.47
N GLU C 83 -2.82 21.68 25.76
CA GLU C 83 -2.94 22.81 26.66
C GLU C 83 -3.02 22.32 28.07
N ALA C 84 -2.31 22.99 28.95
CA ALA C 84 -2.25 22.65 30.36
C ALA C 84 -1.65 23.81 31.13
N ASP C 85 -1.30 23.54 32.38
CA ASP C 85 -0.69 24.51 33.27
C ASP C 85 0.79 24.22 33.35
N LEU C 86 1.59 25.28 33.28
CA LEU C 86 3.02 25.15 33.39
C LEU C 86 3.32 24.83 34.84
N CYS C 87 4.35 24.04 35.07
CA CYS C 87 4.78 23.76 36.44
C CYS C 87 5.31 25.12 36.93
N PRO C 88 4.70 25.68 38.00
CA PRO C 88 5.09 26.98 38.55
C PRO C 88 6.47 27.10 39.19
N ASP C 89 7.08 25.99 39.58
CA ASP C 89 8.39 26.09 40.20
C ASP C 89 9.49 25.49 39.32
N ARG C 90 9.30 25.61 38.01
CA ARG C 90 10.25 25.06 37.08
C ARG C 90 10.24 25.89 35.80
N SER C 91 11.38 25.92 35.12
CA SER C 91 11.51 26.70 33.90
C SER C 91 11.69 25.85 32.64
N ILE C 92 11.74 24.54 32.80
CA ILE C 92 11.89 23.65 31.65
C ILE C 92 10.70 22.69 31.59
N HIS C 93 10.11 22.57 30.41
CA HIS C 93 8.93 21.73 30.23
C HIS C 93 9.01 20.83 29.03
N SER C 94 9.11 19.53 29.26
CA SER C 94 9.16 18.57 28.16
C SER C 94 7.73 18.06 27.99
N PHE C 95 7.33 17.75 26.78
CA PHE C 95 5.98 17.25 26.51
C PHE C 95 6.09 15.82 25.96
N GLN C 96 5.74 14.83 26.78
CA GLN C 96 5.86 13.44 26.39
C GLN C 96 4.69 12.66 25.81
N ASN C 97 3.55 13.30 25.68
CA ASN C 97 2.40 12.61 25.12
C ASN C 97 1.83 13.48 24.03
N LEU C 98 2.66 13.72 23.02
CA LEU C 98 2.24 14.53 21.88
C LEU C 98 2.13 13.63 20.68
N GLY C 99 0.95 13.62 20.07
CA GLY C 99 0.68 12.78 18.93
C GLY C 99 -0.10 13.55 17.91
N ILE C 100 0.25 13.34 16.64
CA ILE C 100 -0.33 14.00 15.48
C ILE C 100 -1.31 13.10 14.72
N GLN C 101 -2.52 13.63 14.54
CA GLN C 101 -3.58 12.92 13.86
C GLN C 101 -3.90 13.70 12.60
N CYS C 102 -3.62 13.09 11.45
CA CYS C 102 -3.87 13.74 10.18
C CYS C 102 -5.26 13.60 9.68
N VAL C 103 -5.71 14.62 8.96
CA VAL C 103 -7.01 14.61 8.36
C VAL C 103 -6.92 13.99 6.96
N LYS C 104 -8.09 13.64 6.45
CA LYS C 104 -8.23 13.09 5.13
C LYS C 104 -8.43 14.29 4.21
N LYS C 105 -7.83 14.24 3.02
CA LYS C 105 -7.93 15.34 2.06
C LYS C 105 -9.39 15.72 1.79
N ARG C 106 -10.31 14.83 2.17
CA ARG C 106 -11.76 15.01 2.03
C ARG C 106 -12.33 15.88 3.17
N ASP C 107 -12.02 15.53 4.41
CA ASP C 107 -12.47 16.28 5.59
C ASP C 107 -11.55 17.44 5.95
N LEU C 108 -10.94 18.04 4.93
CA LEU C 108 -10.01 19.16 5.06
C LEU C 108 -10.72 20.45 5.53
N GLU C 109 -11.69 20.91 4.73
CA GLU C 109 -12.44 22.14 5.02
C GLU C 109 -13.10 22.08 6.38
N GLN C 110 -13.62 20.91 6.72
CA GLN C 110 -14.28 20.70 7.99
C GLN C 110 -13.25 20.91 9.11
N ALA C 111 -12.01 20.53 8.83
CA ALA C 111 -10.91 20.66 9.76
C ALA C 111 -10.60 22.13 9.98
N ILE C 112 -10.47 22.83 8.85
CA ILE C 112 -10.18 24.26 8.80
C ILE C 112 -11.11 25.01 9.74
N SER C 113 -12.42 24.88 9.48
CA SER C 113 -13.45 25.54 10.26
C SER C 113 -13.40 25.26 11.75
N GLN C 114 -12.85 24.12 12.17
CA GLN C 114 -12.77 23.86 13.60
C GLN C 114 -11.68 24.77 14.15
N ARG C 115 -10.61 24.95 13.38
CA ARG C 115 -9.53 25.82 13.81
C ARG C 115 -10.13 27.22 13.97
N ILE C 116 -10.95 27.63 13.01
CA ILE C 116 -11.58 28.93 13.09
C ILE C 116 -12.52 29.01 14.30
N GLN C 117 -13.54 28.17 14.34
CA GLN C 117 -14.50 28.20 15.45
C GLN C 117 -13.85 28.14 16.82
N THR C 118 -12.74 27.42 16.92
CA THR C 118 -12.07 27.27 18.20
C THR C 118 -10.98 28.30 18.50
N ASN C 119 -10.83 29.29 17.62
CA ASN C 119 -9.82 30.32 17.77
C ASN C 119 -8.47 29.67 17.99
N ASN C 120 -7.91 29.19 16.88
CA ASN C 120 -6.60 28.56 16.88
C ASN C 120 -5.90 29.09 15.63
N ASN C 121 -5.23 30.23 15.83
CA ASN C 121 -4.49 30.94 14.79
C ASN C 121 -3.47 31.83 15.54
N PRO C 122 -2.38 31.23 16.09
CA PRO C 122 -1.38 31.98 16.84
C PRO C 122 -0.75 33.13 16.09
N PHE C 123 -0.48 32.92 14.82
CA PHE C 123 0.08 33.98 14.01
C PHE C 123 -1.05 34.76 13.37
N HIS C 124 -2.21 34.71 14.03
CA HIS C 124 -3.44 35.38 13.59
C HIS C 124 -3.56 35.56 12.08
N VAL C 125 -3.21 34.53 11.31
CA VAL C 125 -3.28 34.62 9.85
C VAL C 125 -4.71 34.89 9.41
N PRO C 126 -4.90 35.94 8.61
CA PRO C 126 -6.16 36.42 8.05
C PRO C 126 -6.97 35.42 7.25
N ILE C 127 -8.30 35.47 7.42
CA ILE C 127 -9.24 34.60 6.71
C ILE C 127 -8.98 34.72 5.20
N GLU C 128 -8.64 35.93 4.78
CA GLU C 128 -8.34 36.21 3.38
C GLU C 128 -7.06 35.44 3.08
N GLU C 129 -6.05 35.71 3.89
CA GLU C 129 -4.72 35.11 3.77
C GLU C 129 -4.61 33.60 4.08
N GLN C 130 -5.62 33.03 4.73
CA GLN C 130 -5.64 31.60 5.08
C GLN C 130 -5.86 30.75 3.84
N ARG C 131 -6.21 31.39 2.74
CA ARG C 131 -6.49 30.67 1.51
C ARG C 131 -5.29 29.94 0.93
N GLY C 132 -5.54 28.75 0.40
CA GLY C 132 -4.49 27.97 -0.21
C GLY C 132 -4.29 26.52 0.23
N ASP C 133 -3.70 25.73 -0.66
CA ASP C 133 -3.39 24.32 -0.43
C ASP C 133 -2.56 24.17 0.83
N TYR C 134 -2.71 23.04 1.50
CA TYR C 134 -1.97 22.78 2.74
C TYR C 134 -1.07 21.55 2.59
N ASP C 135 0.21 21.65 2.96
CA ASP C 135 1.06 20.47 2.88
C ASP C 135 0.60 19.61 4.07
N LEU C 136 -0.01 18.47 3.74
CA LEU C 136 -0.50 17.57 4.74
C LEU C 136 0.58 16.64 5.25
N ASN C 137 1.72 16.59 4.58
CA ASN C 137 2.81 15.74 5.03
C ASN C 137 3.77 16.44 5.98
N ALA C 138 3.46 17.67 6.39
CA ALA C 138 4.36 18.39 7.29
C ALA C 138 3.71 19.50 8.11
N VAL C 139 4.08 19.56 9.39
CA VAL C 139 3.56 20.51 10.37
C VAL C 139 4.68 21.05 11.26
N ARG C 140 4.33 21.91 12.21
CA ARG C 140 5.27 22.46 13.18
C ARG C 140 4.57 22.73 14.51
N LEU C 141 5.19 22.34 15.61
CA LEU C 141 4.61 22.60 16.91
C LEU C 141 4.78 24.09 17.16
N CYS C 142 3.76 24.72 17.72
CA CYS C 142 3.79 26.16 17.99
C CYS C 142 3.44 26.46 19.45
N PHE C 143 4.47 26.45 20.29
CA PHE C 143 4.32 26.67 21.72
C PHE C 143 3.86 28.09 22.01
N GLN C 144 2.76 28.23 22.73
CA GLN C 144 2.21 29.54 23.10
C GLN C 144 2.15 29.56 24.59
N VAL C 145 3.14 30.23 25.19
CA VAL C 145 3.20 30.31 26.64
C VAL C 145 2.60 31.60 27.17
N THR C 146 1.94 31.49 28.32
CA THR C 146 1.33 32.65 28.96
C THR C 146 1.78 32.66 30.41
N VAL C 147 2.69 33.56 30.72
CA VAL C 147 3.19 33.74 32.07
C VAL C 147 2.45 34.99 32.51
N ARG C 148 2.86 35.63 33.60
CA ARG C 148 2.21 36.88 34.01
C ARG C 148 3.33 37.92 34.14
N ASP C 149 3.07 39.16 33.74
CA ASP C 149 4.08 40.19 33.88
C ASP C 149 4.38 40.40 35.38
N PRO C 150 5.36 41.27 35.72
CA PRO C 150 5.67 41.49 37.14
C PRO C 150 4.50 42.03 37.97
N ALA C 151 3.61 42.80 37.35
CA ALA C 151 2.44 43.34 38.05
C ALA C 151 1.65 42.16 38.62
N GLY C 152 1.34 41.19 37.76
CA GLY C 152 0.59 40.01 38.20
C GLY C 152 -0.49 39.61 37.22
N ARG C 153 -0.72 40.44 36.22
CA ARG C 153 -1.75 40.12 35.24
C ARG C 153 -1.14 39.17 34.21
N PRO C 154 -1.94 38.23 33.69
CA PRO C 154 -1.44 37.29 32.70
C PRO C 154 -0.69 37.98 31.55
N LEU C 155 0.37 37.32 31.09
CA LEU C 155 1.22 37.81 30.03
C LEU C 155 1.49 36.75 28.97
N LEU C 156 1.02 36.97 27.76
CA LEU C 156 1.25 36.00 26.71
C LEU C 156 2.61 36.26 26.05
N LEU C 157 3.46 35.24 26.02
CA LEU C 157 4.75 35.39 25.40
C LEU C 157 4.54 35.25 23.88
N THR C 158 5.61 35.40 23.11
CA THR C 158 5.54 35.29 21.65
C THR C 158 5.56 33.82 21.20
N PRO C 159 4.97 33.52 20.05
CA PRO C 159 4.97 32.12 19.63
C PRO C 159 6.25 31.59 19.04
N VAL C 160 6.73 30.47 19.59
CA VAL C 160 7.94 29.83 19.10
C VAL C 160 7.58 28.55 18.34
N LEU C 161 8.05 28.47 17.10
CA LEU C 161 7.85 27.33 16.21
C LEU C 161 8.99 26.36 16.36
N SER C 162 8.78 25.14 15.91
CA SER C 162 9.82 24.10 15.95
C SER C 162 10.16 23.79 14.49
N HIS C 163 11.21 23.01 14.23
CA HIS C 163 11.51 22.68 12.83
C HIS C 163 10.41 21.70 12.38
N PRO C 164 10.11 21.65 11.08
CA PRO C 164 9.04 20.70 10.73
C PRO C 164 9.17 19.21 11.06
N ILE C 165 8.02 18.63 11.42
CA ILE C 165 7.91 17.21 11.71
C ILE C 165 7.30 16.69 10.42
N PHE C 166 7.82 15.59 9.89
CA PHE C 166 7.30 15.06 8.65
C PHE C 166 6.65 13.71 8.82
N ASP C 167 5.60 13.46 8.03
CA ASP C 167 4.89 12.19 8.04
C ASP C 167 5.75 11.10 7.36
N ASN C 168 6.07 10.09 8.14
CA ASN C 168 6.90 9.01 7.65
C ASN C 168 6.19 8.08 6.70
N ARG C 169 4.87 8.13 6.67
CA ARG C 169 4.10 7.27 5.78
C ARG C 169 3.95 7.90 4.39
N ALA C 170 4.06 9.21 4.32
CA ALA C 170 3.95 9.91 3.05
C ALA C 170 5.03 9.43 2.09
N PRO C 171 4.63 8.92 0.91
CA PRO C 171 5.62 8.44 -0.06
C PRO C 171 6.61 9.57 -0.37
N ASN C 172 6.04 10.77 -0.32
CA ASN C 172 6.64 12.06 -0.61
C ASN C 172 7.80 12.65 0.24
N THR C 173 7.97 12.16 1.48
CA THR C 173 9.04 12.64 2.37
C THR C 173 9.27 11.75 3.60
N ALA C 174 9.07 10.46 3.39
CA ALA C 174 9.28 9.46 4.43
C ALA C 174 10.78 9.39 4.66
N GLU C 175 11.17 8.89 5.83
CA GLU C 175 12.58 8.76 6.19
C GLU C 175 13.30 7.80 5.23
N LEU C 176 14.40 8.26 4.66
CA LEU C 176 15.19 7.43 3.74
C LEU C 176 15.90 6.35 4.52
N LYS C 177 15.68 5.08 4.17
CA LYS C 177 16.35 3.97 4.87
C LYS C 177 16.84 2.86 3.93
N ILE C 178 18.10 2.44 4.07
CA ILE C 178 18.65 1.35 3.26
C ILE C 178 18.49 0.18 4.18
N CYS C 179 17.81 -0.87 3.71
CA CYS C 179 17.55 -2.08 4.51
C CYS C 179 18.47 -3.28 4.26
N ARG C 180 18.90 -3.45 3.03
CA ARG C 180 19.77 -4.55 2.68
C ARG C 180 20.37 -4.19 1.33
N VAL C 181 21.59 -4.66 1.09
CA VAL C 181 22.32 -4.39 -0.15
C VAL C 181 22.94 -5.76 -0.50
N ASN C 182 23.14 -6.07 -1.78
CA ASN C 182 23.71 -7.37 -2.16
C ASN C 182 25.23 -7.52 -1.91
N ARG C 183 25.90 -6.41 -1.60
CA ARG C 183 27.33 -6.37 -1.33
C ARG C 183 27.76 -4.97 -0.92
N ASN C 184 28.50 -4.87 0.20
CA ASN C 184 29.00 -3.58 0.69
C ASN C 184 30.50 -3.34 0.38
N SER C 185 30.97 -3.93 -0.72
CA SER C 185 32.36 -3.77 -1.16
C SER C 185 32.40 -3.97 -2.66
N GLY C 186 33.53 -3.59 -3.25
CA GLY C 186 33.68 -3.71 -4.68
C GLY C 186 35.02 -3.14 -5.09
N SER C 187 35.25 -3.10 -6.39
CA SER C 187 36.49 -2.59 -6.97
C SER C 187 36.49 -1.08 -7.07
N CYS C 188 37.68 -0.50 -6.86
CA CYS C 188 37.91 0.94 -6.89
C CYS C 188 37.62 1.57 -8.25
N LEU C 189 37.62 0.71 -9.27
CA LEU C 189 37.33 1.13 -10.63
C LEU C 189 35.82 1.34 -10.84
N GLY C 190 35.03 0.81 -9.90
CA GLY C 190 33.60 0.96 -9.97
C GLY C 190 33.02 -0.07 -10.91
N GLY C 191 31.78 0.15 -11.35
CA GLY C 191 31.15 -0.77 -12.27
C GLY C 191 30.45 -1.98 -11.68
N ASP C 192 30.49 -2.15 -10.36
CA ASP C 192 29.80 -3.27 -9.71
C ASP C 192 28.33 -2.88 -9.60
N GLU C 193 27.44 -3.83 -9.83
CA GLU C 193 26.00 -3.57 -9.74
C GLU C 193 25.50 -3.87 -8.36
N ILE C 194 24.58 -3.06 -7.87
CA ILE C 194 24.07 -3.29 -6.53
C ILE C 194 22.56 -3.24 -6.44
N PHE C 195 22.02 -4.20 -5.69
CA PHE C 195 20.59 -4.28 -5.48
C PHE C 195 20.41 -3.69 -4.12
N LEU C 196 19.83 -2.51 -4.09
CA LEU C 196 19.60 -1.81 -2.83
C LEU C 196 18.13 -1.95 -2.41
N LEU C 197 17.90 -2.49 -1.22
CA LEU C 197 16.57 -2.69 -0.71
C LEU C 197 16.30 -1.62 0.30
N CYS C 198 15.40 -0.71 -0.04
CA CYS C 198 15.05 0.42 0.81
C CYS C 198 13.56 0.59 1.04
N ASP C 199 13.22 1.63 1.79
CA ASP C 199 11.84 1.98 2.03
C ASP C 199 11.36 2.76 0.80
N LYS C 200 10.11 3.22 0.86
CA LYS C 200 9.48 3.96 -0.21
C LYS C 200 10.31 5.18 -0.61
N VAL C 201 10.68 5.27 -1.88
CA VAL C 201 11.42 6.44 -2.38
C VAL C 201 10.67 6.84 -3.63
N GLN C 202 11.13 7.90 -4.29
CA GLN C 202 10.51 8.30 -5.53
C GLN C 202 11.60 8.35 -6.55
N LYS C 203 11.48 7.50 -7.56
CA LYS C 203 12.46 7.33 -8.63
C LYS C 203 12.90 8.58 -9.32
N GLU C 204 12.03 9.57 -9.33
CA GLU C 204 12.32 10.85 -9.94
C GLU C 204 12.81 11.87 -8.89
N ASP C 205 13.32 11.35 -7.77
CA ASP C 205 13.84 12.20 -6.68
C ASP C 205 14.62 11.36 -5.67
N ILE C 206 15.57 10.57 -6.17
CA ILE C 206 16.40 9.73 -5.32
C ILE C 206 17.77 9.49 -5.98
N GLU C 207 18.80 9.30 -5.15
CA GLU C 207 20.16 9.05 -5.60
C GLU C 207 20.87 8.19 -4.58
N VAL C 208 22.01 7.60 -4.97
CA VAL C 208 22.86 6.81 -4.06
C VAL C 208 24.18 7.59 -4.01
N TYR C 209 24.22 8.51 -3.05
CA TYR C 209 25.33 9.42 -2.82
C TYR C 209 26.47 8.76 -2.04
N PHE C 210 27.61 8.53 -2.73
CA PHE C 210 28.79 7.92 -2.13
C PHE C 210 29.62 9.03 -1.50
N THR C 211 30.20 8.76 -0.34
CA THR C 211 30.95 9.82 0.33
C THR C 211 32.18 9.47 1.17
N GLY C 212 33.29 10.12 0.83
CA GLY C 212 34.54 9.93 1.54
C GLY C 212 35.17 11.29 1.83
N PRO C 213 36.22 11.38 2.69
CA PRO C 213 36.85 12.67 2.99
C PRO C 213 37.24 13.38 1.71
N GLY C 214 36.76 14.62 1.55
CA GLY C 214 37.04 15.37 0.34
C GLY C 214 36.66 14.61 -0.91
N TRP C 215 35.76 13.63 -0.74
CA TRP C 215 35.31 12.81 -1.84
C TRP C 215 33.82 12.53 -1.73
N GLU C 216 33.20 12.37 -2.89
CA GLU C 216 31.79 12.05 -2.99
C GLU C 216 31.58 11.63 -4.43
N ALA C 217 30.59 10.78 -4.64
CA ALA C 217 30.23 10.30 -5.98
C ALA C 217 28.77 9.85 -5.88
N ARG C 218 28.17 9.53 -7.03
CA ARG C 218 26.79 9.06 -7.05
C ARG C 218 26.74 7.76 -7.82
N GLY C 219 26.10 6.74 -7.25
CA GLY C 219 25.98 5.47 -7.93
C GLY C 219 25.25 5.70 -9.25
N SER C 220 25.34 4.76 -10.18
CA SER C 220 24.71 4.97 -11.46
C SER C 220 23.50 4.12 -11.84
N PHE C 221 22.39 4.81 -12.12
CA PHE C 221 21.12 4.18 -12.50
C PHE C 221 20.12 5.18 -13.11
N SER C 222 18.99 4.66 -13.56
CA SER C 222 17.92 5.47 -14.15
C SER C 222 16.64 5.20 -13.39
N GLN C 223 15.62 6.01 -13.60
CA GLN C 223 14.34 5.83 -12.91
C GLN C 223 13.85 4.38 -13.07
N ALA C 224 13.90 3.89 -14.30
CA ALA C 224 13.50 2.54 -14.64
C ALA C 224 14.19 1.49 -13.81
N ASP C 225 15.27 1.88 -13.12
CA ASP C 225 16.02 0.96 -12.25
C ASP C 225 15.45 0.90 -10.86
N VAL C 226 14.46 1.74 -10.57
CA VAL C 226 13.82 1.76 -9.25
C VAL C 226 12.64 0.78 -9.25
N HIS C 227 12.72 -0.23 -8.39
CA HIS C 227 11.67 -1.23 -8.33
C HIS C 227 10.63 -1.01 -7.27
N ARG C 228 9.43 -0.68 -7.74
CA ARG C 228 8.27 -0.44 -6.90
C ARG C 228 8.61 0.41 -5.68
N GLN C 229 9.43 1.44 -5.91
CA GLN C 229 9.82 2.39 -4.87
C GLN C 229 10.56 1.81 -3.68
N VAL C 230 10.90 0.53 -3.71
CA VAL C 230 11.55 -0.05 -2.55
C VAL C 230 12.80 -0.86 -2.86
N ALA C 231 13.40 -0.57 -4.02
CA ALA C 231 14.65 -1.19 -4.45
C ALA C 231 15.22 -0.45 -5.63
N ILE C 232 16.52 -0.26 -5.62
CA ILE C 232 17.24 0.41 -6.68
C ILE C 232 18.39 -0.51 -7.10
N VAL C 233 18.53 -0.68 -8.41
CA VAL C 233 19.63 -1.45 -8.95
C VAL C 233 20.53 -0.41 -9.64
N PHE C 234 21.70 -0.18 -9.05
CA PHE C 234 22.64 0.80 -9.56
C PHE C 234 24.04 0.21 -9.64
N ARG C 235 24.90 0.87 -10.41
CA ARG C 235 26.30 0.48 -10.58
C ARG C 235 27.12 1.39 -9.65
N THR C 236 28.07 0.85 -8.90
CA THR C 236 28.89 1.72 -8.05
C THR C 236 29.78 2.61 -8.90
N PRO C 237 30.02 3.84 -8.44
CA PRO C 237 30.87 4.81 -9.13
C PRO C 237 32.33 4.51 -8.76
N PRO C 238 33.27 4.89 -9.63
CA PRO C 238 34.68 4.61 -9.31
C PRO C 238 35.11 5.49 -8.14
N TYR C 239 36.06 5.01 -7.35
CA TYR C 239 36.58 5.77 -6.22
C TYR C 239 37.37 6.98 -6.75
N ALA C 240 37.94 7.78 -5.86
CA ALA C 240 38.74 8.92 -6.33
C ALA C 240 40.04 8.41 -6.92
N ASP C 241 40.51 7.30 -6.37
CA ASP C 241 41.77 6.68 -6.73
C ASP C 241 41.65 5.28 -7.32
N PRO C 242 41.94 5.12 -8.62
CA PRO C 242 41.87 3.83 -9.32
C PRO C 242 43.02 2.91 -8.92
N SER C 243 44.09 3.51 -8.45
CA SER C 243 45.25 2.75 -8.04
C SER C 243 45.23 2.69 -6.54
N LEU C 244 44.44 1.78 -5.99
CA LEU C 244 44.35 1.63 -4.54
C LEU C 244 45.35 0.62 -4.00
N GLN C 245 45.78 0.82 -2.76
CA GLN C 245 46.74 -0.09 -2.17
C GLN C 245 46.12 -1.06 -1.18
N ALA C 246 44.93 -0.72 -0.69
CA ALA C 246 44.23 -1.58 0.27
C ALA C 246 42.76 -1.11 0.35
N PRO C 247 41.92 -1.84 1.11
CA PRO C 247 40.52 -1.42 1.23
C PRO C 247 40.39 0.05 1.65
N VAL C 248 39.31 0.67 1.23
CA VAL C 248 39.06 2.07 1.56
C VAL C 248 37.61 2.23 1.92
N ARG C 249 37.32 2.17 3.21
CA ARG C 249 35.96 2.34 3.70
C ARG C 249 35.43 3.72 3.32
N VAL C 250 34.26 3.73 2.71
CA VAL C 250 33.60 4.97 2.36
C VAL C 250 32.18 4.82 2.86
N SER C 251 31.33 5.78 2.53
CA SER C 251 29.96 5.73 2.96
C SER C 251 29.04 5.78 1.78
N MET C 252 28.01 4.96 1.86
CA MET C 252 26.97 4.85 0.84
C MET C 252 25.70 5.34 1.53
N GLN C 253 24.97 6.24 0.87
CA GLN C 253 23.74 6.78 1.44
C GLN C 253 22.67 7.04 0.41
N LEU C 254 21.48 7.31 0.91
CA LEU C 254 20.36 7.64 0.06
C LEU C 254 20.18 9.14 0.20
N ARG C 255 20.03 9.80 -0.94
CA ARG C 255 19.85 11.22 -0.94
C ARG C 255 18.69 11.59 -1.83
N ARG C 256 17.72 12.29 -1.22
CA ARG C 256 16.56 12.78 -1.91
C ARG C 256 16.94 14.21 -2.25
N PRO C 257 17.34 14.45 -3.51
CA PRO C 257 17.75 15.76 -4.01
C PRO C 257 16.92 16.95 -3.50
N SER C 258 15.63 16.95 -3.79
CA SER C 258 14.70 18.02 -3.44
C SER C 258 14.87 18.69 -2.07
N ASP C 259 15.13 17.92 -1.02
CA ASP C 259 15.31 18.52 0.29
C ASP C 259 16.70 18.23 0.84
N ARG C 260 17.50 17.57 0.01
CA ARG C 260 18.86 17.18 0.33
C ARG C 260 18.94 16.30 1.56
N GLU C 261 17.85 15.66 1.95
CA GLU C 261 17.89 14.80 3.12
C GLU C 261 18.73 13.55 2.81
N LEU C 262 19.37 12.98 3.82
CA LEU C 262 20.19 11.79 3.61
C LEU C 262 19.74 10.63 4.52
N SER C 263 20.15 9.41 4.20
CA SER C 263 19.77 8.28 5.06
C SER C 263 20.98 7.98 5.91
N GLU C 264 20.81 7.16 6.95
CA GLU C 264 21.97 6.82 7.76
C GLU C 264 23.00 6.24 6.79
N PRO C 265 24.27 6.60 6.95
CA PRO C 265 25.25 6.04 6.01
C PRO C 265 25.57 4.56 6.22
N MET C 266 25.64 3.83 5.11
CA MET C 266 25.99 2.43 5.13
C MET C 266 27.46 2.43 4.78
N GLU C 267 28.24 1.55 5.40
CA GLU C 267 29.66 1.51 5.09
C GLU C 267 29.91 0.66 3.87
N PHE C 268 30.65 1.23 2.93
CA PHE C 268 31.01 0.54 1.71
C PHE C 268 32.53 0.62 1.60
N GLN C 269 33.16 -0.52 1.42
CA GLN C 269 34.61 -0.59 1.36
C GLN C 269 35.16 -0.86 -0.02
N TYR C 270 35.76 0.16 -0.63
CA TYR C 270 36.35 -0.01 -1.96
C TYR C 270 37.61 -0.88 -1.88
N LEU C 271 37.91 -1.55 -2.97
CA LEU C 271 39.05 -2.44 -3.02
C LEU C 271 39.75 -2.30 -4.37
N PRO C 272 40.96 -2.87 -4.45
CA PRO C 272 41.74 -2.82 -5.69
C PRO C 272 41.60 -4.16 -6.41
N ASP C 273 41.78 -4.15 -7.73
CA ASP C 273 41.71 -5.37 -8.51
C ASP C 273 43.11 -5.70 -9.05
N PRO D 1 -39.70 -26.84 -17.66
CA PRO D 1 -38.50 -26.51 -18.47
C PRO D 1 -37.35 -26.25 -17.51
N TYR D 2 -36.12 -26.21 -18.02
CA TYR D 2 -34.98 -25.93 -17.17
C TYR D 2 -33.78 -25.35 -17.88
N VAL D 3 -33.22 -24.33 -17.23
CA VAL D 3 -32.05 -23.63 -17.69
C VAL D 3 -30.86 -24.53 -17.44
N GLU D 4 -29.87 -24.47 -18.31
CA GLU D 4 -28.68 -25.30 -18.16
C GLU D 4 -27.51 -24.48 -18.62
N ILE D 5 -26.47 -24.42 -17.79
CA ILE D 5 -25.25 -23.67 -18.13
C ILE D 5 -24.34 -24.63 -18.88
N ILE D 6 -24.21 -24.40 -20.18
CA ILE D 6 -23.36 -25.23 -21.03
C ILE D 6 -22.03 -24.51 -21.24
N GLU D 7 -21.86 -23.40 -20.53
CA GLU D 7 -20.64 -22.59 -20.57
C GLU D 7 -20.51 -21.80 -19.30
N GLN D 8 -19.88 -22.43 -18.31
CA GLN D 8 -19.61 -21.85 -17.01
C GLN D 8 -18.64 -20.70 -17.15
N PRO D 9 -18.74 -19.68 -16.29
CA PRO D 9 -17.84 -18.53 -16.35
C PRO D 9 -16.40 -18.90 -15.91
N LYS D 10 -15.43 -18.07 -16.30
CA LYS D 10 -14.03 -18.35 -15.91
C LYS D 10 -13.90 -18.03 -14.42
N GLN D 11 -13.57 -19.04 -13.62
CA GLN D 11 -13.42 -18.90 -12.17
C GLN D 11 -12.33 -17.95 -11.71
N ARG D 12 -11.20 -17.96 -12.43
CA ARG D 12 -10.05 -17.11 -12.10
C ARG D 12 -9.64 -16.23 -13.26
N GLY D 13 -8.99 -15.10 -12.92
CA GLY D 13 -8.54 -14.17 -13.93
C GLY D 13 -9.32 -12.87 -14.05
N MET D 14 -10.39 -12.72 -13.26
CA MET D 14 -11.17 -11.49 -13.34
C MET D 14 -11.17 -10.65 -12.07
N ARG D 15 -10.85 -9.39 -12.26
CA ARG D 15 -10.77 -8.40 -11.20
C ARG D 15 -12.12 -7.70 -11.12
N PHE D 16 -12.63 -7.45 -9.91
CA PHE D 16 -13.90 -6.74 -9.79
C PHE D 16 -13.57 -5.24 -9.66
N ARG D 17 -14.06 -4.45 -10.60
CA ARG D 17 -13.83 -3.02 -10.62
C ARG D 17 -14.52 -2.28 -9.47
N TYR D 18 -13.82 -1.34 -8.84
CA TYR D 18 -14.44 -0.51 -7.81
C TYR D 18 -15.14 0.58 -8.63
N LYS D 19 -16.25 1.12 -8.14
CA LYS D 19 -16.95 2.15 -8.88
C LYS D 19 -16.00 3.31 -9.25
N CYS D 20 -15.02 3.56 -8.40
CA CYS D 20 -14.06 4.65 -8.59
C CYS D 20 -13.28 4.52 -9.90
N GLU D 21 -12.97 3.28 -10.28
CA GLU D 21 -12.22 3.03 -11.49
C GLU D 21 -13.02 3.22 -12.80
N GLY D 22 -14.30 3.54 -12.68
CA GLY D 22 -15.15 3.75 -13.84
C GLY D 22 -15.22 2.60 -14.86
N ARG D 23 -15.78 2.91 -16.03
CA ARG D 23 -15.95 2.00 -17.15
C ARG D 23 -14.74 1.09 -17.44
N SER D 24 -13.66 1.70 -17.95
CA SER D 24 -12.41 1.02 -18.29
C SER D 24 -12.51 -0.23 -19.20
N ALA D 25 -12.97 -1.36 -18.64
CA ALA D 25 -13.13 -2.62 -19.37
C ALA D 25 -13.68 -3.71 -18.46
N GLY D 26 -14.66 -4.47 -18.95
CA GLY D 26 -15.26 -5.53 -18.15
C GLY D 26 -16.20 -6.51 -18.84
N SER D 27 -15.85 -7.80 -18.78
CA SER D 27 -16.65 -8.87 -19.38
C SER D 27 -16.27 -10.25 -18.84
N ILE D 28 -17.08 -10.78 -17.91
CA ILE D 28 -16.85 -12.11 -17.34
C ILE D 28 -16.73 -13.02 -18.56
N PRO D 29 -15.66 -13.79 -18.62
CA PRO D 29 -15.43 -14.69 -19.75
C PRO D 29 -15.94 -16.09 -19.53
N GLY D 30 -15.88 -16.87 -20.59
CA GLY D 30 -16.33 -18.23 -20.52
C GLY D 30 -15.22 -19.10 -19.96
N GLU D 31 -15.58 -20.29 -19.51
CA GLU D 31 -14.63 -21.25 -18.95
C GLU D 31 -13.71 -21.76 -20.08
N ARG D 32 -13.36 -20.85 -20.99
CA ARG D 32 -12.48 -21.11 -22.13
C ARG D 32 -12.35 -19.92 -23.11
N SER D 33 -12.68 -18.72 -22.64
CA SER D 33 -12.55 -17.54 -23.49
C SER D 33 -11.08 -17.27 -23.78
N THR D 34 -10.80 -16.61 -24.91
CA THR D 34 -9.42 -16.29 -25.29
C THR D 34 -9.35 -15.31 -26.48
N ASP D 35 -8.10 -14.96 -26.86
CA ASP D 35 -7.74 -14.05 -27.97
C ASP D 35 -8.89 -13.13 -28.38
N THR D 36 -9.16 -13.08 -29.68
CA THR D 36 -10.29 -12.33 -30.20
C THR D 36 -11.38 -13.40 -30.12
N THR D 37 -10.95 -14.64 -30.38
CA THR D 37 -11.80 -15.82 -30.33
C THR D 37 -12.06 -16.14 -28.86
N LYS D 38 -13.15 -15.61 -28.34
CA LYS D 38 -13.51 -15.80 -26.94
C LYS D 38 -14.57 -16.88 -26.66
N THR D 39 -15.26 -16.70 -25.54
CA THR D 39 -16.33 -17.57 -25.05
C THR D 39 -16.91 -16.86 -23.82
N HIS D 40 -18.24 -16.85 -23.76
CA HIS D 40 -18.96 -16.17 -22.69
C HIS D 40 -19.92 -17.10 -21.97
N PRO D 41 -20.34 -16.72 -20.75
CA PRO D 41 -21.28 -17.58 -20.04
C PRO D 41 -22.56 -17.73 -20.87
N THR D 42 -22.84 -18.97 -21.25
CA THR D 42 -24.02 -19.26 -22.05
C THR D 42 -24.89 -20.30 -21.38
N ILE D 43 -26.20 -20.06 -21.39
CA ILE D 43 -27.12 -21.03 -20.84
C ILE D 43 -27.96 -21.52 -21.97
N LYS D 44 -28.66 -22.62 -21.71
CA LYS D 44 -29.55 -23.24 -22.65
C LYS D 44 -30.79 -23.62 -21.88
N ILE D 45 -31.95 -23.27 -22.38
CA ILE D 45 -33.20 -23.63 -21.72
C ILE D 45 -33.73 -24.92 -22.34
N ASN D 46 -34.03 -25.88 -21.48
CA ASN D 46 -34.54 -27.17 -21.92
C ASN D 46 -36.03 -27.33 -21.62
N GLY D 47 -36.80 -27.61 -22.67
CA GLY D 47 -38.23 -27.75 -22.51
C GLY D 47 -38.93 -26.43 -22.74
N TYR D 48 -38.50 -25.69 -23.76
CA TYR D 48 -39.10 -24.42 -24.10
C TYR D 48 -38.50 -23.80 -25.34
N THR D 49 -39.36 -23.20 -26.16
CA THR D 49 -38.96 -22.52 -27.38
C THR D 49 -40.01 -21.48 -27.72
N GLY D 50 -39.83 -20.26 -27.22
CA GLY D 50 -40.78 -19.19 -27.48
C GLY D 50 -40.31 -17.92 -26.81
N PRO D 51 -41.23 -17.14 -26.23
CA PRO D 51 -40.92 -15.86 -25.54
C PRO D 51 -40.64 -15.97 -24.02
N GLY D 52 -39.69 -15.17 -23.55
CA GLY D 52 -39.32 -15.17 -22.14
C GLY D 52 -38.25 -14.14 -21.79
N THR D 53 -37.87 -14.08 -20.52
CA THR D 53 -36.86 -13.14 -20.09
C THR D 53 -35.86 -13.85 -19.18
N VAL D 54 -34.67 -13.28 -19.06
CA VAL D 54 -33.63 -13.83 -18.19
C VAL D 54 -33.07 -12.71 -17.35
N ARG D 55 -32.75 -13.04 -16.11
CA ARG D 55 -32.15 -12.08 -15.20
C ARG D 55 -30.96 -12.75 -14.57
N ILE D 56 -29.82 -12.08 -14.61
CA ILE D 56 -28.65 -12.64 -13.97
C ILE D 56 -28.28 -11.71 -12.83
N SER D 57 -28.13 -12.28 -11.65
CA SER D 57 -27.79 -11.51 -10.47
C SER D 57 -26.67 -12.23 -9.76
N LEU D 58 -26.05 -11.53 -8.81
CA LEU D 58 -24.95 -12.13 -8.04
C LEU D 58 -25.46 -12.62 -6.69
N VAL D 59 -25.12 -13.86 -6.35
CA VAL D 59 -25.51 -14.38 -5.05
C VAL D 59 -24.20 -14.64 -4.35
N THR D 60 -24.25 -14.97 -3.07
CA THR D 60 -23.02 -15.23 -2.35
C THR D 60 -22.24 -16.38 -2.97
N LYS D 61 -22.09 -17.51 -2.28
CA LYS D 61 -21.37 -18.65 -2.85
C LYS D 61 -21.40 -19.82 -1.90
N ASP D 62 -22.19 -19.70 -0.85
CA ASP D 62 -22.31 -20.76 0.13
C ASP D 62 -23.76 -20.83 0.59
N PRO D 63 -24.33 -22.05 0.55
CA PRO D 63 -25.69 -22.44 0.92
C PRO D 63 -26.73 -21.35 1.12
N PRO D 64 -26.55 -20.44 2.10
CA PRO D 64 -27.63 -19.46 2.13
C PRO D 64 -27.27 -18.43 1.06
N HIS D 65 -27.43 -18.84 -0.19
CA HIS D 65 -27.10 -18.03 -1.35
C HIS D 65 -27.89 -16.75 -1.33
N ARG D 66 -27.36 -15.77 -0.63
CA ARG D 66 -27.98 -14.46 -0.48
C ARG D 66 -27.53 -13.53 -1.59
N PRO D 67 -28.37 -12.53 -1.92
CA PRO D 67 -28.03 -11.56 -2.96
C PRO D 67 -26.81 -10.71 -2.55
N HIS D 68 -25.64 -11.14 -3.04
CA HIS D 68 -24.34 -10.51 -2.80
C HIS D 68 -24.36 -8.98 -2.84
N PRO D 69 -23.51 -8.32 -2.04
CA PRO D 69 -23.43 -6.85 -2.01
C PRO D 69 -22.82 -6.28 -3.28
N HIS D 70 -21.99 -7.07 -3.97
CA HIS D 70 -21.37 -6.60 -5.21
C HIS D 70 -22.43 -6.25 -6.23
N GLU D 71 -21.99 -6.00 -7.46
CA GLU D 71 -22.91 -5.64 -8.52
C GLU D 71 -22.52 -6.22 -9.84
N LEU D 72 -23.53 -6.34 -10.70
CA LEU D 72 -23.36 -6.84 -12.06
C LEU D 72 -23.61 -5.58 -12.86
N VAL D 73 -22.60 -5.13 -13.58
CA VAL D 73 -22.73 -3.91 -14.36
C VAL D 73 -22.43 -4.17 -15.79
N GLY D 74 -22.98 -3.34 -16.66
CA GLY D 74 -22.78 -3.53 -18.08
C GLY D 74 -24.08 -3.37 -18.85
N LYS D 75 -24.08 -3.81 -20.11
CA LYS D 75 -25.26 -3.72 -20.96
C LYS D 75 -26.45 -4.43 -20.31
N ASP D 76 -27.61 -3.78 -20.38
CA ASP D 76 -28.86 -4.33 -19.83
C ASP D 76 -28.91 -4.49 -18.30
N CYS D 77 -27.78 -4.23 -17.65
CA CYS D 77 -27.74 -4.33 -16.19
C CYS D 77 -28.40 -3.13 -15.57
N ARG D 78 -28.91 -3.33 -14.36
CA ARG D 78 -29.62 -2.32 -13.59
C ARG D 78 -29.74 -2.84 -12.19
N ASP D 79 -29.42 -1.99 -11.23
CA ASP D 79 -29.50 -2.31 -9.82
C ASP D 79 -28.62 -3.47 -9.36
N GLY D 80 -27.51 -3.68 -10.05
CA GLY D 80 -26.59 -4.75 -9.68
C GLY D 80 -26.93 -6.10 -10.24
N TYR D 81 -27.81 -6.09 -11.24
CA TYR D 81 -28.24 -7.33 -11.87
C TYR D 81 -28.55 -7.07 -13.32
N TYR D 82 -28.43 -8.12 -14.10
CA TYR D 82 -28.71 -8.08 -15.52
C TYR D 82 -30.16 -8.58 -15.75
N GLU D 83 -30.77 -8.13 -16.83
CA GLU D 83 -32.12 -8.55 -17.18
C GLU D 83 -32.46 -8.11 -18.57
N ALA D 84 -32.62 -9.08 -19.46
CA ALA D 84 -32.95 -8.82 -20.86
C ALA D 84 -33.92 -9.88 -21.37
N ASP D 85 -34.65 -9.53 -22.41
CA ASP D 85 -35.63 -10.42 -23.02
C ASP D 85 -34.96 -11.53 -23.77
N LEU D 86 -35.05 -12.73 -23.22
CA LEU D 86 -34.49 -13.93 -23.81
C LEU D 86 -35.06 -13.97 -25.23
N CYS D 87 -34.22 -14.30 -26.21
CA CYS D 87 -34.72 -14.35 -27.59
C CYS D 87 -35.83 -15.37 -27.80
N PRO D 88 -36.93 -14.96 -28.46
CA PRO D 88 -38.04 -15.87 -28.69
C PRO D 88 -37.70 -16.99 -29.67
N ASP D 89 -36.70 -16.78 -30.53
CA ASP D 89 -36.32 -17.80 -31.49
C ASP D 89 -34.92 -18.38 -31.37
N ARG D 90 -34.49 -18.62 -30.14
CA ARG D 90 -33.19 -19.22 -29.85
C ARG D 90 -33.27 -19.96 -28.49
N SER D 91 -32.45 -21.00 -28.32
CA SER D 91 -32.43 -21.80 -27.09
C SER D 91 -31.10 -21.67 -26.30
N ILE D 92 -30.06 -21.18 -26.98
CA ILE D 92 -28.75 -20.99 -26.36
C ILE D 92 -28.49 -19.49 -26.25
N HIS D 93 -28.39 -19.03 -25.00
CA HIS D 93 -28.19 -17.62 -24.72
C HIS D 93 -26.88 -17.33 -24.01
N SER D 94 -26.01 -16.64 -24.73
CA SER D 94 -24.69 -16.24 -24.26
C SER D 94 -24.76 -14.80 -23.79
N PHE D 95 -23.88 -14.46 -22.84
CA PHE D 95 -23.83 -13.11 -22.27
C PHE D 95 -22.40 -12.54 -22.38
N GLN D 96 -22.27 -11.50 -23.20
CA GLN D 96 -20.98 -10.89 -23.50
C GLN D 96 -20.56 -9.57 -22.88
N ASN D 97 -21.40 -8.98 -22.03
CA ASN D 97 -21.08 -7.69 -21.40
C ASN D 97 -21.23 -7.70 -19.89
N LEU D 98 -20.91 -8.83 -19.26
CA LEU D 98 -21.05 -8.93 -17.81
C LEU D 98 -19.83 -8.43 -17.01
N GLY D 99 -20.06 -7.48 -16.11
CA GLY D 99 -18.97 -6.96 -15.32
C GLY D 99 -19.30 -6.87 -13.84
N ILE D 100 -18.45 -7.45 -12.99
CA ILE D 100 -18.63 -7.42 -11.55
C ILE D 100 -17.99 -6.20 -10.91
N GLN D 101 -18.82 -5.27 -10.47
CA GLN D 101 -18.35 -4.07 -9.81
C GLN D 101 -18.44 -4.31 -8.31
N CYS D 102 -17.30 -4.36 -7.63
CA CYS D 102 -17.27 -4.56 -6.18
C CYS D 102 -17.60 -3.28 -5.40
N VAL D 103 -18.13 -3.45 -4.19
CA VAL D 103 -18.45 -2.31 -3.34
C VAL D 103 -17.44 -2.27 -2.19
N LYS D 104 -17.13 -1.06 -1.73
CA LYS D 104 -16.20 -0.85 -0.63
C LYS D 104 -16.97 -1.41 0.54
N LYS D 105 -16.29 -2.05 1.49
CA LYS D 105 -17.03 -2.62 2.62
C LYS D 105 -17.64 -1.61 3.60
N ARG D 106 -17.61 -0.32 3.23
CA ARG D 106 -18.21 0.73 4.06
C ARG D 106 -19.56 1.09 3.45
N ASP D 107 -19.91 0.39 2.39
CA ASP D 107 -21.16 0.59 1.67
C ASP D 107 -21.99 -0.69 1.82
N LEU D 108 -21.36 -1.74 2.33
CA LEU D 108 -21.98 -3.06 2.51
C LEU D 108 -23.46 -3.00 2.91
N GLU D 109 -23.74 -2.39 4.06
CA GLU D 109 -25.10 -2.27 4.58
C GLU D 109 -26.07 -1.66 3.56
N GLN D 110 -25.66 -0.56 2.93
CA GLN D 110 -26.53 0.07 1.94
C GLN D 110 -26.53 -0.67 0.60
N ALA D 111 -25.73 -1.73 0.52
CA ALA D 111 -25.64 -2.54 -0.68
C ALA D 111 -26.74 -3.59 -0.56
N ILE D 112 -26.81 -4.21 0.61
CA ILE D 112 -27.82 -5.22 0.90
C ILE D 112 -29.24 -4.61 0.86
N SER D 113 -29.35 -3.36 1.31
CA SER D 113 -30.64 -2.69 1.31
C SER D 113 -31.13 -2.44 -0.12
N GLN D 114 -30.20 -2.39 -1.09
CA GLN D 114 -30.63 -2.21 -2.48
C GLN D 114 -31.09 -3.56 -3.05
N ARG D 115 -30.56 -4.65 -2.49
CA ARG D 115 -30.93 -5.98 -2.96
C ARG D 115 -32.39 -6.27 -2.56
N ILE D 116 -32.74 -5.90 -1.33
CA ILE D 116 -34.10 -6.05 -0.78
C ILE D 116 -35.07 -5.10 -1.50
N GLN D 117 -34.75 -3.82 -1.41
CA GLN D 117 -35.49 -2.71 -2.02
C GLN D 117 -35.88 -2.99 -3.44
N THR D 118 -34.97 -3.59 -4.20
CA THR D 118 -35.21 -3.92 -5.61
C THR D 118 -35.75 -5.35 -5.80
N ASN D 119 -35.93 -6.06 -4.68
CA ASN D 119 -36.39 -7.44 -4.70
C ASN D 119 -35.40 -8.30 -5.48
N ASN D 120 -34.16 -8.31 -5.02
CA ASN D 120 -33.11 -9.10 -5.63
C ASN D 120 -32.74 -10.11 -4.58
N ASN D 121 -33.11 -11.35 -4.83
CA ASN D 121 -32.87 -12.48 -3.95
C ASN D 121 -33.53 -13.65 -4.65
N PRO D 122 -32.82 -14.29 -5.60
CA PRO D 122 -33.37 -15.43 -6.33
C PRO D 122 -33.86 -16.54 -5.43
N PHE D 123 -33.14 -16.78 -4.34
CA PHE D 123 -33.47 -17.85 -3.41
C PHE D 123 -34.42 -17.50 -2.27
N HIS D 124 -34.91 -16.26 -2.26
CA HIS D 124 -35.86 -15.82 -1.24
C HIS D 124 -35.37 -16.01 0.21
N VAL D 125 -34.14 -15.56 0.45
CA VAL D 125 -33.51 -15.61 1.76
C VAL D 125 -34.08 -14.49 2.63
N PRO D 126 -34.69 -14.84 3.78
CA PRO D 126 -35.30 -13.92 4.75
C PRO D 126 -34.32 -12.89 5.33
N ILE D 127 -34.87 -11.75 5.75
CA ILE D 127 -34.10 -10.66 6.33
C ILE D 127 -33.28 -11.15 7.52
N GLU D 128 -33.95 -11.91 8.38
CA GLU D 128 -33.33 -12.48 9.57
C GLU D 128 -32.33 -13.56 9.13
N GLU D 129 -32.67 -14.29 8.06
CA GLU D 129 -31.83 -15.36 7.51
C GLU D 129 -30.70 -14.77 6.65
N GLN D 130 -30.81 -13.48 6.34
CA GLN D 130 -29.82 -12.75 5.56
C GLN D 130 -28.67 -12.27 6.45
N ARG D 131 -28.62 -12.80 7.67
CA ARG D 131 -27.56 -12.44 8.61
C ARG D 131 -26.30 -13.23 8.28
N GLY D 132 -25.15 -12.63 8.55
CA GLY D 132 -23.89 -13.30 8.28
C GLY D 132 -22.79 -12.43 7.68
N ASP D 133 -21.63 -13.06 7.49
CA ASP D 133 -20.47 -12.38 6.93
C ASP D 133 -20.38 -12.60 5.43
N TYR D 134 -20.28 -11.51 4.66
CA TYR D 134 -20.16 -11.61 3.20
C TYR D 134 -18.71 -11.66 2.75
N ASP D 135 -18.39 -12.70 1.99
CA ASP D 135 -17.07 -12.92 1.43
C ASP D 135 -17.08 -12.07 0.15
N LEU D 136 -16.37 -10.96 0.18
CA LEU D 136 -16.34 -10.06 -0.96
C LEU D 136 -15.46 -10.42 -2.15
N ASN D 137 -14.78 -11.57 -2.11
CA ASN D 137 -13.91 -11.92 -3.23
C ASN D 137 -14.42 -12.99 -4.20
N ALA D 138 -15.62 -13.51 -3.93
CA ALA D 138 -16.23 -14.54 -4.78
C ALA D 138 -17.74 -14.42 -4.84
N VAL D 139 -18.25 -14.52 -6.06
CA VAL D 139 -19.68 -14.41 -6.34
C VAL D 139 -20.06 -15.56 -7.25
N ARG D 140 -21.36 -15.81 -7.35
CA ARG D 140 -21.92 -16.85 -8.24
C ARG D 140 -22.95 -16.13 -9.09
N LEU D 141 -22.93 -16.36 -10.41
CA LEU D 141 -23.94 -15.75 -11.27
C LEU D 141 -25.21 -16.55 -10.97
N CYS D 142 -26.35 -15.89 -10.95
CA CYS D 142 -27.60 -16.61 -10.72
C CYS D 142 -28.45 -16.25 -11.90
N PHE D 143 -28.68 -17.24 -12.78
CA PHE D 143 -29.50 -17.05 -13.97
C PHE D 143 -30.92 -17.40 -13.61
N GLN D 144 -31.79 -16.40 -13.59
CA GLN D 144 -33.18 -16.65 -13.29
C GLN D 144 -33.98 -16.41 -14.57
N VAL D 145 -34.33 -17.50 -15.26
CA VAL D 145 -35.11 -17.41 -16.49
C VAL D 145 -36.61 -17.50 -16.26
N THR D 146 -37.34 -16.69 -17.00
CA THR D 146 -38.78 -16.65 -16.92
C THR D 146 -39.34 -16.81 -18.32
N VAL D 147 -40.08 -17.89 -18.50
CA VAL D 147 -40.70 -18.23 -19.78
C VAL D 147 -42.21 -18.23 -19.57
N ARG D 148 -42.94 -18.71 -20.58
CA ARG D 148 -44.40 -18.79 -20.50
C ARG D 148 -44.84 -20.25 -20.36
N ASP D 149 -45.88 -20.49 -19.56
CA ASP D 149 -46.44 -21.82 -19.36
C ASP D 149 -47.42 -22.17 -20.52
N PRO D 150 -48.15 -23.33 -20.46
CA PRO D 150 -49.06 -23.64 -21.56
C PRO D 150 -50.18 -22.60 -21.70
N ALA D 151 -50.67 -22.10 -20.56
CA ALA D 151 -51.72 -21.09 -20.54
C ALA D 151 -51.17 -19.73 -20.99
N GLY D 152 -49.85 -19.70 -21.22
CA GLY D 152 -49.17 -18.50 -21.67
C GLY D 152 -48.81 -17.52 -20.56
N ARG D 153 -49.26 -17.79 -19.33
CA ARG D 153 -48.96 -16.91 -18.20
C ARG D 153 -47.49 -17.13 -17.81
N PRO D 154 -46.75 -16.05 -17.53
CA PRO D 154 -45.34 -16.11 -17.14
C PRO D 154 -44.99 -17.19 -16.11
N LEU D 155 -44.00 -17.99 -16.44
CA LEU D 155 -43.56 -19.08 -15.60
C LEU D 155 -42.08 -18.92 -15.30
N LEU D 156 -41.76 -18.82 -14.01
CA LEU D 156 -40.37 -18.65 -13.56
C LEU D 156 -39.75 -19.99 -13.28
N LEU D 157 -38.65 -20.29 -13.99
CA LEU D 157 -37.89 -21.53 -13.79
C LEU D 157 -36.90 -21.30 -12.65
N THR D 158 -36.62 -22.37 -11.91
CA THR D 158 -35.70 -22.34 -10.77
C THR D 158 -34.32 -21.72 -11.06
N PRO D 159 -33.80 -20.91 -10.10
CA PRO D 159 -32.50 -20.24 -10.23
C PRO D 159 -31.37 -21.22 -10.52
N VAL D 160 -30.55 -20.88 -11.52
CA VAL D 160 -29.42 -21.72 -11.87
C VAL D 160 -28.11 -20.98 -11.65
N LEU D 161 -27.32 -21.53 -10.73
CA LEU D 161 -26.03 -20.99 -10.32
C LEU D 161 -24.84 -21.46 -11.13
N SER D 162 -23.85 -20.58 -11.16
CA SER D 162 -22.59 -20.86 -11.81
C SER D 162 -21.72 -21.23 -10.62
N HIS D 163 -20.63 -21.95 -10.89
CA HIS D 163 -19.70 -22.28 -9.82
C HIS D 163 -19.07 -20.93 -9.48
N PRO D 164 -18.59 -20.76 -8.25
CA PRO D 164 -17.98 -19.51 -7.78
C PRO D 164 -17.03 -18.80 -8.76
N ILE D 165 -17.11 -17.47 -8.76
CA ILE D 165 -16.24 -16.63 -9.59
C ILE D 165 -15.34 -15.91 -8.58
N PHE D 166 -14.03 -15.93 -8.83
CA PHE D 166 -13.07 -15.29 -7.93
C PHE D 166 -12.40 -14.06 -8.48
N ASP D 167 -11.91 -13.22 -7.57
CA ASP D 167 -11.23 -11.97 -7.93
C ASP D 167 -9.74 -12.15 -8.30
N ASN D 168 -9.19 -11.15 -8.97
CA ASN D 168 -7.78 -11.16 -9.37
C ASN D 168 -7.04 -10.16 -8.51
N ARG D 169 -7.75 -9.10 -8.13
CA ARG D 169 -7.22 -8.03 -7.27
C ARG D 169 -6.99 -8.57 -5.86
N ALA D 170 -7.19 -9.88 -5.70
CA ALA D 170 -6.96 -10.51 -4.41
C ALA D 170 -5.45 -10.50 -4.25
N PRO D 171 -4.96 -10.42 -2.99
CA PRO D 171 -3.52 -10.38 -2.70
C PRO D 171 -2.73 -11.65 -3.04
N ASN D 172 -3.44 -12.76 -3.13
CA ASN D 172 -2.83 -14.06 -3.43
C ASN D 172 -3.54 -14.72 -4.61
N THR D 173 -3.55 -14.02 -5.74
CA THR D 173 -4.22 -14.53 -6.93
C THR D 173 -3.63 -13.99 -8.22
N ALA D 174 -3.11 -12.78 -8.18
CA ALA D 174 -2.53 -12.15 -9.37
C ALA D 174 -1.40 -12.98 -9.93
N GLU D 175 -0.99 -12.64 -11.16
CA GLU D 175 0.07 -13.37 -11.85
C GLU D 175 1.37 -13.32 -11.07
N LEU D 176 2.18 -14.37 -11.24
CA LEU D 176 3.48 -14.47 -10.60
C LEU D 176 4.46 -13.97 -11.65
N LYS D 177 5.32 -13.03 -11.28
CA LYS D 177 6.27 -12.49 -12.26
C LYS D 177 7.62 -12.16 -11.66
N ILE D 178 8.68 -12.58 -12.37
CA ILE D 178 10.05 -12.30 -11.98
C ILE D 178 10.47 -11.10 -12.83
N CYS D 179 10.81 -9.98 -12.20
CA CYS D 179 11.19 -8.79 -12.96
C CYS D 179 12.68 -8.60 -13.21
N ARG D 180 13.49 -8.78 -12.19
CA ARG D 180 14.94 -8.61 -12.33
C ARG D 180 15.64 -9.53 -11.33
N VAL D 181 16.74 -10.14 -11.75
CA VAL D 181 17.49 -11.07 -10.89
C VAL D 181 18.94 -10.56 -10.85
N ASN D 182 19.59 -10.55 -9.69
CA ASN D 182 20.99 -10.04 -9.62
C ASN D 182 21.97 -10.96 -10.32
N ARG D 183 21.61 -12.24 -10.42
CA ARG D 183 22.45 -13.24 -11.05
C ARG D 183 21.59 -14.39 -11.57
N ASN D 184 21.88 -14.85 -12.79
CA ASN D 184 21.15 -15.95 -13.41
C ASN D 184 22.13 -17.10 -13.65
N SER D 185 23.03 -17.30 -12.70
CA SER D 185 24.04 -18.34 -12.80
C SER D 185 24.68 -18.55 -11.46
N GLY D 186 25.28 -19.72 -11.26
CA GLY D 186 25.94 -20.01 -9.99
C GLY D 186 26.48 -21.43 -9.81
N SER D 187 27.13 -21.65 -8.68
CA SER D 187 27.73 -22.95 -8.34
C SER D 187 26.72 -24.08 -8.24
N CYS D 188 27.16 -25.26 -8.69
CA CYS D 188 26.34 -26.46 -8.66
C CYS D 188 26.19 -26.93 -7.20
N LEU D 189 26.99 -26.37 -6.32
CA LEU D 189 26.92 -26.70 -4.90
C LEU D 189 25.79 -25.86 -4.30
N GLY D 190 25.35 -24.85 -5.05
CA GLY D 190 24.31 -23.94 -4.59
C GLY D 190 24.84 -22.93 -3.57
N GLY D 191 24.00 -22.51 -2.64
CA GLY D 191 24.42 -21.55 -1.61
C GLY D 191 24.59 -20.09 -1.97
N ASP D 192 24.65 -19.78 -3.26
CA ASP D 192 24.82 -18.41 -3.71
C ASP D 192 23.58 -17.60 -3.42
N GLU D 193 23.76 -16.36 -2.96
CA GLU D 193 22.65 -15.49 -2.63
C GLU D 193 22.13 -14.75 -3.85
N ILE D 194 20.80 -14.74 -4.00
CA ILE D 194 20.16 -14.06 -5.13
C ILE D 194 19.17 -13.00 -4.69
N PHE D 195 19.16 -11.88 -5.41
CA PHE D 195 18.25 -10.77 -5.16
C PHE D 195 17.36 -10.75 -6.38
N LEU D 196 16.15 -11.27 -6.19
CA LEU D 196 15.11 -11.37 -7.22
C LEU D 196 14.04 -10.31 -6.95
N LEU D 197 13.79 -9.48 -7.95
CA LEU D 197 12.79 -8.43 -7.88
C LEU D 197 11.53 -8.94 -8.57
N CYS D 198 10.43 -8.98 -7.83
CA CYS D 198 9.19 -9.50 -8.35
C CYS D 198 7.94 -8.64 -8.16
N ASP D 199 6.86 -9.06 -8.81
CA ASP D 199 5.59 -8.39 -8.68
C ASP D 199 5.08 -8.75 -7.28
N LYS D 200 4.18 -7.93 -6.75
CA LYS D 200 3.66 -8.17 -5.41
C LYS D 200 3.29 -9.62 -5.15
N VAL D 201 3.88 -10.20 -4.11
CA VAL D 201 3.60 -11.57 -3.71
C VAL D 201 3.31 -11.55 -2.23
N GLN D 202 3.01 -12.71 -1.64
CA GLN D 202 2.74 -12.78 -0.21
C GLN D 202 3.77 -13.73 0.38
N LYS D 203 4.68 -13.17 1.19
CA LYS D 203 5.77 -13.92 1.82
C LYS D 203 5.27 -15.11 2.57
N GLU D 204 4.05 -15.00 3.08
CA GLU D 204 3.48 -16.08 3.84
C GLU D 204 3.10 -17.22 2.92
N ASP D 205 3.07 -16.92 1.61
CA ASP D 205 2.70 -17.89 0.58
C ASP D 205 3.41 -17.69 -0.76
N ILE D 206 4.68 -18.07 -0.81
CA ILE D 206 5.52 -17.97 -2.02
C ILE D 206 6.82 -18.77 -1.79
N GLU D 207 7.56 -18.99 -2.87
CA GLU D 207 8.82 -19.72 -2.83
C GLU D 207 9.46 -19.65 -4.20
N VAL D 208 10.77 -19.88 -4.25
CA VAL D 208 11.50 -19.89 -5.53
C VAL D 208 11.70 -21.37 -5.86
N TYR D 209 11.21 -21.76 -7.03
CA TYR D 209 11.25 -23.15 -7.45
C TYR D 209 12.19 -23.39 -8.64
N PHE D 210 13.18 -24.27 -8.41
CA PHE D 210 14.18 -24.66 -9.41
C PHE D 210 13.81 -26.03 -9.97
N THR D 211 13.93 -26.18 -11.29
CA THR D 211 13.56 -27.43 -11.94
C THR D 211 14.32 -27.82 -13.22
N GLY D 212 14.43 -29.13 -13.39
CA GLY D 212 15.07 -29.75 -14.54
C GLY D 212 14.49 -31.15 -14.63
N PRO D 213 14.72 -31.88 -15.73
CA PRO D 213 14.22 -33.24 -15.96
C PRO D 213 14.32 -34.20 -14.77
N GLY D 214 13.19 -34.41 -14.11
CA GLY D 214 13.16 -35.29 -12.97
C GLY D 214 13.83 -34.67 -11.77
N TRP D 215 14.24 -33.40 -11.90
CA TRP D 215 14.89 -32.70 -10.80
C TRP D 215 14.19 -31.40 -10.41
N GLU D 216 14.01 -31.21 -9.11
CA GLU D 216 13.38 -29.99 -8.60
C GLU D 216 13.82 -29.64 -7.17
N ALA D 217 14.35 -28.42 -7.03
CA ALA D 217 14.82 -27.88 -5.75
C ALA D 217 14.18 -26.52 -5.59
N ARG D 218 14.31 -25.94 -4.40
CA ARG D 218 13.73 -24.63 -4.13
C ARG D 218 14.74 -23.76 -3.44
N GLY D 219 14.68 -22.46 -3.74
CA GLY D 219 15.58 -21.50 -3.12
C GLY D 219 15.29 -21.44 -1.63
N SER D 220 16.33 -21.26 -0.83
CA SER D 220 16.15 -21.21 0.62
C SER D 220 16.05 -19.80 1.19
N PHE D 221 14.93 -19.50 1.85
CA PHE D 221 14.73 -18.20 2.48
C PHE D 221 13.59 -18.20 3.50
N SER D 222 13.54 -17.15 4.32
CA SER D 222 12.50 -17.03 5.33
C SER D 222 11.64 -15.86 4.91
N GLN D 223 10.57 -15.61 5.68
CA GLN D 223 9.64 -14.52 5.41
C GLN D 223 10.30 -13.16 5.61
N ALA D 224 11.35 -13.14 6.42
CA ALA D 224 12.11 -11.93 6.71
C ALA D 224 12.88 -11.49 5.48
N ASP D 225 13.13 -12.43 4.57
CA ASP D 225 13.87 -12.17 3.35
C ASP D 225 13.07 -11.66 2.18
N VAL D 226 11.75 -11.54 2.36
CA VAL D 226 10.84 -11.03 1.34
C VAL D 226 10.66 -9.56 1.67
N HIS D 227 11.24 -8.71 0.83
CA HIS D 227 11.20 -7.27 1.03
C HIS D 227 9.99 -6.59 0.44
N ARG D 228 9.06 -6.21 1.29
CA ARG D 228 7.86 -5.51 0.86
C ARG D 228 7.07 -6.19 -0.30
N GLN D 229 7.13 -7.53 -0.37
CA GLN D 229 6.43 -8.32 -1.37
C GLN D 229 6.94 -8.18 -2.80
N VAL D 230 7.81 -7.22 -3.05
CA VAL D 230 8.30 -7.02 -4.42
C VAL D 230 9.74 -7.41 -4.62
N ALA D 231 10.33 -8.06 -3.62
CA ALA D 231 11.72 -8.51 -3.72
C ALA D 231 12.02 -9.65 -2.76
N ILE D 232 12.74 -10.66 -3.24
CA ILE D 232 13.11 -11.79 -2.39
C ILE D 232 14.62 -12.02 -2.46
N VAL D 233 15.21 -12.29 -1.30
CA VAL D 233 16.63 -12.58 -1.22
C VAL D 233 16.76 -14.02 -0.73
N PHE D 234 17.28 -14.89 -1.59
CA PHE D 234 17.41 -16.29 -1.24
C PHE D 234 18.74 -16.88 -1.68
N ARG D 235 19.02 -18.10 -1.22
CA ARG D 235 20.24 -18.77 -1.63
C ARG D 235 19.87 -19.98 -2.47
N THR D 236 20.61 -20.15 -3.55
CA THR D 236 20.35 -21.26 -4.46
C THR D 236 20.53 -22.63 -3.82
N PRO D 237 19.75 -23.61 -4.29
CA PRO D 237 19.80 -24.98 -3.80
C PRO D 237 20.94 -25.72 -4.50
N PRO D 238 21.58 -26.68 -3.80
CA PRO D 238 22.65 -27.40 -4.50
C PRO D 238 21.98 -28.13 -5.64
N TYR D 239 22.60 -28.18 -6.82
CA TYR D 239 22.01 -28.88 -7.96
C TYR D 239 21.99 -30.42 -7.74
N ALA D 240 21.54 -31.15 -8.74
CA ALA D 240 21.50 -32.61 -8.67
C ALA D 240 22.95 -33.13 -8.70
N ASP D 241 23.69 -32.72 -9.72
CA ASP D 241 25.10 -33.08 -9.83
C ASP D 241 25.83 -31.92 -9.18
N PRO D 242 26.18 -32.05 -7.90
CA PRO D 242 26.88 -30.99 -7.17
C PRO D 242 28.38 -31.03 -7.39
N SER D 243 28.79 -31.68 -8.48
CA SER D 243 30.20 -31.84 -8.83
C SER D 243 30.34 -31.81 -10.36
N LEU D 244 29.63 -30.89 -10.99
CA LEU D 244 29.65 -30.69 -12.45
C LEU D 244 31.05 -30.32 -12.96
N GLN D 245 31.25 -30.46 -14.26
CA GLN D 245 32.51 -30.09 -14.90
C GLN D 245 32.15 -29.26 -16.12
N ALA D 246 30.87 -28.91 -16.21
CA ALA D 246 30.30 -28.11 -17.31
C ALA D 246 28.95 -27.48 -16.90
N PRO D 247 28.54 -26.37 -17.54
CA PRO D 247 27.26 -25.75 -17.19
C PRO D 247 26.03 -26.59 -17.54
N VAL D 248 24.97 -26.34 -16.79
CA VAL D 248 23.69 -27.03 -16.94
C VAL D 248 22.56 -25.98 -16.83
N ARG D 249 21.88 -25.71 -17.95
CA ARG D 249 20.78 -24.74 -17.95
C ARG D 249 19.55 -25.29 -17.26
N VAL D 250 19.33 -24.96 -15.99
CA VAL D 250 18.11 -25.43 -15.33
C VAL D 250 17.08 -24.33 -15.43
N SER D 251 15.94 -24.50 -14.78
CA SER D 251 14.96 -23.44 -14.80
C SER D 251 14.57 -23.05 -13.41
N MET D 252 14.37 -21.75 -13.25
CA MET D 252 14.03 -21.16 -11.97
C MET D 252 12.73 -20.39 -12.11
N GLN D 253 11.81 -20.58 -11.17
CA GLN D 253 10.59 -19.82 -11.23
C GLN D 253 9.94 -19.64 -9.87
N LEU D 254 8.95 -18.75 -9.81
CA LEU D 254 8.23 -18.50 -8.57
C LEU D 254 7.05 -19.48 -8.50
N ARG D 255 6.71 -19.89 -7.28
CA ARG D 255 5.61 -20.82 -7.07
C ARG D 255 4.79 -20.40 -5.86
N ARG D 256 3.48 -20.39 -6.07
CA ARG D 256 2.51 -20.05 -5.02
C ARG D 256 1.95 -21.36 -4.48
N PRO D 257 2.39 -21.77 -3.29
CA PRO D 257 1.94 -23.00 -2.66
C PRO D 257 0.42 -23.19 -2.61
N SER D 258 -0.29 -22.12 -2.25
CA SER D 258 -1.75 -22.13 -2.13
C SER D 258 -2.45 -22.80 -3.32
N ASP D 259 -1.93 -22.58 -4.51
CA ASP D 259 -2.55 -23.12 -5.69
C ASP D 259 -1.55 -23.70 -6.67
N ARG D 260 -0.30 -23.75 -6.24
CA ARG D 260 0.78 -24.29 -7.06
C ARG D 260 0.95 -23.55 -8.39
N GLU D 261 0.47 -22.31 -8.45
CA GLU D 261 0.59 -21.51 -9.66
C GLU D 261 2.07 -21.16 -9.85
N LEU D 262 2.48 -20.98 -11.10
CA LEU D 262 3.86 -20.69 -11.41
C LEU D 262 4.00 -19.48 -12.31
N SER D 263 5.17 -18.83 -12.23
CA SER D 263 5.47 -17.69 -13.08
C SER D 263 6.17 -18.19 -14.33
N GLU D 264 6.25 -17.36 -15.36
CA GLU D 264 6.98 -17.78 -16.57
C GLU D 264 8.36 -18.16 -15.97
N PRO D 265 8.99 -19.22 -16.48
CA PRO D 265 10.29 -19.55 -15.87
C PRO D 265 11.40 -18.66 -16.32
N MET D 266 12.46 -18.65 -15.54
CA MET D 266 13.64 -17.90 -15.86
C MET D 266 14.78 -18.92 -15.83
N GLU D 267 15.60 -18.91 -16.87
CA GLU D 267 16.71 -19.85 -16.97
C GLU D 267 17.78 -19.61 -15.93
N PHE D 268 18.45 -20.70 -15.54
CA PHE D 268 19.52 -20.63 -14.56
C PHE D 268 20.68 -21.57 -14.90
N GLN D 269 21.85 -20.98 -15.11
CA GLN D 269 23.05 -21.73 -15.46
C GLN D 269 23.85 -22.18 -14.25
N TYR D 270 23.75 -23.45 -13.94
CA TYR D 270 24.52 -24.01 -12.84
C TYR D 270 25.88 -24.34 -13.46
N LEU D 271 26.95 -24.21 -12.69
CA LEU D 271 28.29 -24.46 -13.20
C LEU D 271 29.16 -25.07 -12.13
N PRO D 272 30.37 -25.52 -12.50
CA PRO D 272 31.32 -26.11 -11.55
C PRO D 272 32.00 -24.96 -10.80
N ASP D 273 33.00 -25.27 -9.98
CA ASP D 273 33.68 -24.20 -9.25
C ASP D 273 34.95 -23.77 -9.98
#